data_3WJQ
#
_entry.id   3WJQ
#
_cell.length_a   102.846
_cell.length_b   102.846
_cell.length_c   104.315
_cell.angle_alpha   90.00
_cell.angle_beta   90.00
_cell.angle_gamma   90.00
#
_symmetry.space_group_name_H-M   'P 43 21 2'
#
loop_
_entity.id
_entity.type
_entity.pdbx_description
1 polymer 'Hydrogenase expression/formation protein HypE'
2 non-polymer 'MAGNESIUM ION'
3 non-polymer BENZAMIDINE
4 non-polymer 'SULFATE ION'
5 non-polymer "ADENOSINE-5'-TRIPHOSPHATE"
6 non-polymer GLYCEROL
7 non-polymer DI(HYDROXYETHYL)ETHER
8 non-polymer 'TRIETHYLENE GLYCOL'
9 non-polymer 'PHOSPHATE ION'
10 water water
#
_entity_poly.entity_id   1
_entity_poly.type   'polypeptide(L)'
_entity_poly.pdbx_seq_one_letter_code
;MGEKIKLEHGAGGEIMEELLRDVILKTLTLKSAGGIGLDALDDGATIPFGDKHIVFTIDGHTVKPLFFPGGDIGRLAVSG
TVNDLAVMGAEPIALANSMIIGEGLDMEVLKRVLKSMDETAREVPVPIVTGDTKVVEDKIEMFVITAGIGIAEHPVSDAG
AKVGDAVLVSGTIGDHGIALMSHREGIAFETELKSDVAPIWDVVKAVAETIGWENIHAMKDPTRAGLSNALNEIARKSNV
GILVREADIPIRPEVRAASEMLGISPYDVANEGKVVMVVAREYAEEALEAMRKTEKGRNAAIIGEVIADYRGKVLLETGI
GGKRFMEPPEGDPVPRI(XCN)
;
_entity_poly.pdbx_strand_id   A
#
# COMPACT_ATOMS: atom_id res chain seq x y z
N GLU A 3 9.02 -29.26 5.11
CA GLU A 3 8.80 -27.94 4.54
C GLU A 3 8.59 -26.93 5.66
N LYS A 4 9.34 -25.83 5.62
CA LYS A 4 9.29 -24.82 6.68
C LYS A 4 8.84 -23.47 6.14
N ILE A 5 8.21 -22.68 7.02
CA ILE A 5 7.96 -21.28 6.73
C ILE A 5 9.27 -20.50 6.67
N LYS A 6 9.44 -19.72 5.61
CA LYS A 6 10.66 -18.93 5.40
C LYS A 6 10.32 -17.45 5.44
N LEU A 7 11.34 -16.60 5.64
CA LEU A 7 11.10 -15.15 5.65
C LEU A 7 10.41 -14.70 4.37
N GLU A 8 10.73 -15.37 3.26
CA GLU A 8 10.15 -15.03 1.97
C GLU A 8 8.64 -15.18 1.95
N HIS A 9 8.11 -16.07 2.77
CA HIS A 9 6.66 -16.24 2.83
C HIS A 9 5.96 -15.03 3.43
N GLY A 10 6.73 -14.17 4.09
CA GLY A 10 6.19 -12.94 4.63
C GLY A 10 6.67 -11.71 3.88
N ALA A 11 7.21 -11.91 2.68
CA ALA A 11 7.83 -10.81 1.94
C ALA A 11 6.96 -10.21 0.84
N GLY A 12 5.73 -10.71 0.69
CA GLY A 12 4.73 -10.00 -0.10
C GLY A 12 4.77 -10.07 -1.62
N GLY A 13 5.62 -10.92 -2.17
CA GLY A 13 5.70 -11.05 -3.62
C GLY A 13 5.22 -12.41 -4.07
N GLU A 14 5.84 -12.97 -5.11
CA GLU A 14 5.39 -14.25 -5.69
C GLU A 14 5.40 -15.42 -4.70
N ILE A 15 6.41 -15.47 -3.83
CA ILE A 15 6.51 -16.57 -2.88
C ILE A 15 5.35 -16.54 -1.88
N MET A 16 5.01 -15.36 -1.40
CA MET A 16 3.86 -15.26 -0.50
C MET A 16 2.58 -15.57 -1.25
N GLU A 17 2.48 -15.11 -2.50
CA GLU A 17 1.28 -15.32 -3.29
C GLU A 17 1.02 -16.82 -3.51
N GLU A 18 2.10 -17.57 -3.68
CA GLU A 18 1.99 -19.02 -3.85
C GLU A 18 1.44 -19.67 -2.58
N LEU A 19 1.88 -19.17 -1.42
CA LEU A 19 1.40 -19.70 -0.15
C LEU A 19 -0.09 -19.39 0.03
N LEU A 20 -0.48 -18.17 -0.31
CA LEU A 20 -1.89 -17.77 -0.22
C LEU A 20 -2.78 -18.65 -1.11
N ARG A 21 -2.37 -18.87 -2.34
CA ARG A 21 -3.18 -19.69 -3.25
C ARG A 21 -3.15 -21.18 -2.92
N ASP A 22 -1.98 -21.73 -2.62
CA ASP A 22 -1.85 -23.16 -2.41
C ASP A 22 -2.21 -23.66 -1.00
N VAL A 23 -2.14 -22.78 -0.02
CA VAL A 23 -2.42 -23.20 1.36
C VAL A 23 -3.62 -22.48 1.98
N ILE A 24 -3.59 -21.16 2.00
CA ILE A 24 -4.69 -20.43 2.65
C ILE A 24 -6.03 -20.60 1.95
N LEU A 25 -6.08 -20.32 0.64
CA LEU A 25 -7.34 -20.40 -0.10
C LEU A 25 -7.83 -21.84 -0.20
N LYS A 26 -6.91 -22.79 -0.19
CA LYS A 26 -7.30 -24.19 -0.35
C LYS A 26 -7.76 -24.82 0.96
N THR A 27 -7.35 -24.23 2.08
CA THR A 27 -7.72 -24.77 3.38
C THR A 27 -9.00 -24.13 3.93
N LEU A 28 -9.11 -22.80 3.81
CA LEU A 28 -10.33 -22.14 4.26
C LEU A 28 -11.45 -22.33 3.26
N THR A 29 -12.67 -22.57 3.74
CA THR A 29 -13.80 -22.82 2.87
C THR A 29 -14.84 -21.70 2.88
N LEU A 30 -15.10 -21.11 4.05
CA LEU A 30 -16.03 -19.98 4.10
C LEU A 30 -15.20 -18.70 3.99
N LYS A 31 -15.31 -18.04 2.84
CA LYS A 31 -14.37 -16.99 2.45
C LYS A 31 -15.01 -15.68 2.02
N SER A 32 -16.34 -15.67 1.91
CA SER A 32 -17.06 -14.49 1.47
C SER A 32 -18.28 -14.22 2.33
N ALA A 33 -18.57 -12.94 2.54
CA ALA A 33 -19.79 -12.55 3.24
C ALA A 33 -20.79 -11.91 2.27
N GLY A 34 -20.61 -12.12 0.96
CA GLY A 34 -21.60 -11.66 0.01
C GLY A 34 -21.06 -10.73 -1.07
N GLY A 35 -19.84 -10.26 -0.89
CA GLY A 35 -19.21 -9.38 -1.88
C GLY A 35 -17.81 -9.87 -2.16
N ILE A 36 -16.88 -8.94 -2.32
CA ILE A 36 -15.50 -9.33 -2.60
C ILE A 36 -15.00 -10.09 -1.40
N GLY A 37 -14.50 -11.30 -1.66
CA GLY A 37 -14.11 -12.19 -0.57
C GLY A 37 -12.65 -12.59 -0.64
N LEU A 38 -12.30 -13.64 0.08
CA LEU A 38 -10.89 -13.99 0.22
C LEU A 38 -10.30 -14.46 -1.10
N ASP A 39 -11.10 -15.13 -1.92
CA ASP A 39 -10.62 -15.69 -3.18
C ASP A 39 -10.15 -14.61 -4.14
N ALA A 40 -10.67 -13.39 -3.98
CA ALA A 40 -10.23 -12.27 -4.80
C ALA A 40 -8.83 -11.78 -4.43
N LEU A 41 -8.39 -12.09 -3.21
CA LEU A 41 -7.08 -11.63 -2.72
C LEU A 41 -6.85 -10.14 -2.95
N ASP A 42 -7.89 -9.34 -2.69
CA ASP A 42 -7.83 -7.90 -2.90
C ASP A 42 -7.39 -7.20 -1.62
N ASP A 43 -7.31 -5.88 -1.64
CA ASP A 43 -6.83 -5.17 -0.46
C ASP A 43 -7.75 -5.32 0.75
N GLY A 44 -9.03 -5.59 0.50
CA GLY A 44 -9.97 -5.89 1.56
C GLY A 44 -11.15 -6.69 1.03
N ALA A 45 -12.12 -6.94 1.90
CA ALA A 45 -13.34 -7.65 1.52
C ALA A 45 -14.51 -6.68 1.57
N THR A 46 -15.61 -7.01 0.89
CA THR A 46 -16.78 -6.13 0.91
C THR A 46 -18.02 -6.92 1.27
N ILE A 47 -18.95 -6.25 1.93
CA ILE A 47 -20.19 -6.87 2.38
C ILE A 47 -21.34 -5.92 2.05
N PRO A 48 -22.34 -6.41 1.32
CA PRO A 48 -23.52 -5.56 1.07
C PRO A 48 -24.18 -5.12 2.38
N PHE A 49 -24.54 -3.85 2.48
CA PHE A 49 -25.32 -3.36 3.61
C PHE A 49 -26.16 -2.19 3.14
N GLY A 50 -27.46 -2.41 3.07
CA GLY A 50 -28.34 -1.41 2.49
C GLY A 50 -27.92 -1.21 1.04
N ASP A 51 -27.82 0.05 0.64
N ASP A 51 -27.82 0.05 0.63
CA ASP A 51 -27.45 0.39 -0.74
CA ASP A 51 -27.44 0.35 -0.75
C ASP A 51 -25.95 0.64 -0.86
C ASP A 51 -25.94 0.65 -0.86
N LYS A 52 -25.21 0.39 0.21
CA LYS A 52 -23.76 0.59 0.22
C LYS A 52 -23.04 -0.70 0.58
N HIS A 53 -21.75 -0.61 0.84
CA HIS A 53 -20.94 -1.79 1.15
C HIS A 53 -20.04 -1.49 2.32
N ILE A 54 -20.01 -2.41 3.27
CA ILE A 54 -19.00 -2.38 4.33
C ILE A 54 -17.72 -2.96 3.74
N VAL A 55 -16.60 -2.31 4.02
CA VAL A 55 -15.30 -2.82 3.58
C VAL A 55 -14.49 -3.15 4.82
N PHE A 56 -13.78 -4.29 4.78
CA PHE A 56 -13.13 -4.86 5.96
C PHE A 56 -11.71 -5.24 5.58
N THR A 57 -10.74 -4.86 6.40
CA THR A 57 -9.35 -5.18 6.10
C THR A 57 -8.56 -5.37 7.39
N ILE A 58 -7.41 -6.02 7.30
CA ILE A 58 -6.54 -6.17 8.47
C ILE A 58 -5.09 -6.27 8.02
N ASP A 59 -4.19 -5.71 8.83
CA ASP A 59 -2.76 -5.82 8.56
C ASP A 59 -2.01 -5.91 9.88
N GLY A 60 -1.08 -6.86 9.94
CA GLY A 60 -0.15 -6.93 11.06
C GLY A 60 1.03 -6.04 10.73
N HIS A 61 1.67 -5.49 11.75
CA HIS A 61 2.82 -4.62 11.50
C HIS A 61 3.98 -5.03 12.37
N THR A 62 5.13 -5.30 11.74
CA THR A 62 6.29 -5.88 12.41
C THR A 62 7.55 -5.13 12.00
N VAL A 63 7.39 -3.87 11.65
CA VAL A 63 8.52 -3.07 11.17
C VAL A 63 9.61 -2.95 12.23
N LYS A 64 10.87 -2.90 11.77
N LYS A 64 10.86 -2.90 11.76
CA LYS A 64 12.00 -2.61 12.63
CA LYS A 64 12.02 -2.62 12.58
C LYS A 64 12.89 -1.60 11.92
C LYS A 64 12.85 -1.55 11.89
N PRO A 65 13.37 -0.59 12.66
CA PRO A 65 13.08 -0.34 14.08
C PRO A 65 11.67 0.20 14.27
N LEU A 66 11.19 0.26 15.51
CA LEU A 66 9.85 0.76 15.76
C LEU A 66 9.69 2.22 15.36
N PHE A 67 10.75 3.01 15.54
CA PHE A 67 10.77 4.41 15.12
C PHE A 67 11.85 4.61 14.06
N PHE A 68 11.50 5.30 12.99
CA PHE A 68 12.40 5.47 11.85
C PHE A 68 12.16 6.86 11.24
N PRO A 69 13.08 7.32 10.37
CA PRO A 69 12.84 8.65 9.81
C PRO A 69 11.54 8.73 9.02
N GLY A 70 10.67 9.66 9.40
CA GLY A 70 9.40 9.87 8.72
C GLY A 70 8.23 9.11 9.32
N GLY A 71 8.48 8.27 10.33
CA GLY A 71 7.38 7.51 10.88
C GLY A 71 7.72 6.56 12.01
N ASP A 72 6.80 5.63 12.26
CA ASP A 72 6.99 4.65 13.30
C ASP A 72 5.90 3.60 13.13
N ILE A 73 5.98 2.54 13.93
CA ILE A 73 5.02 1.45 13.82
C ILE A 73 3.58 1.89 14.08
N GLY A 74 3.39 2.93 14.89
CA GLY A 74 2.05 3.44 15.16
C GLY A 74 1.48 4.16 13.95
N ARG A 75 2.26 5.07 13.38
CA ARG A 75 1.81 5.78 12.17
C ARG A 75 1.59 4.77 11.03
N LEU A 76 2.46 3.77 10.96
CA LEU A 76 2.33 2.71 9.95
C LEU A 76 1.05 1.93 10.15
N ALA A 77 0.75 1.58 11.40
CA ALA A 77 -0.46 0.77 11.66
C ALA A 77 -1.73 1.50 11.27
N VAL A 78 -1.82 2.79 11.54
CA VAL A 78 -3.02 3.51 11.17
C VAL A 78 -3.04 3.76 9.67
N SER A 79 -1.92 4.21 9.12
CA SER A 79 -1.85 4.54 7.70
C SER A 79 -2.13 3.33 6.80
N GLY A 80 -1.50 2.20 7.09
CA GLY A 80 -1.62 1.05 6.21
C GLY A 80 -3.04 0.53 6.11
N THR A 81 -3.73 0.55 7.22
CA THR A 81 -5.11 0.04 7.25
C THR A 81 -6.10 1.05 6.64
N VAL A 82 -5.89 2.35 6.88
CA VAL A 82 -6.67 3.38 6.20
C VAL A 82 -6.43 3.27 4.69
N ASN A 83 -5.19 3.02 4.30
CA ASN A 83 -4.88 2.95 2.88
C ASN A 83 -5.49 1.73 2.19
N ASP A 84 -5.50 0.59 2.87
CA ASP A 84 -6.18 -0.58 2.31
C ASP A 84 -7.69 -0.34 2.13
N LEU A 85 -8.30 0.39 3.06
CA LEU A 85 -9.71 0.76 2.89
C LEU A 85 -9.87 1.70 1.70
N ALA A 86 -9.00 2.71 1.62
CA ALA A 86 -9.09 3.71 0.56
C ALA A 86 -8.98 3.10 -0.83
N VAL A 87 -8.10 2.12 -0.99
CA VAL A 87 -7.89 1.56 -2.31
C VAL A 87 -8.99 0.57 -2.70
N MET A 88 -9.91 0.28 -1.76
CA MET A 88 -11.14 -0.44 -2.08
C MET A 88 -12.29 0.54 -2.36
N GLY A 89 -12.00 1.84 -2.28
CA GLY A 89 -13.02 2.86 -2.47
C GLY A 89 -13.82 3.19 -1.23
N ALA A 90 -13.28 2.86 -0.05
CA ALA A 90 -14.04 2.99 1.20
C ALA A 90 -13.59 4.14 2.07
N GLU A 91 -14.56 4.94 2.51
CA GLU A 91 -14.32 5.96 3.54
C GLU A 91 -14.09 5.27 4.89
N PRO A 92 -12.96 5.54 5.55
CA PRO A 92 -12.72 4.87 6.84
C PRO A 92 -13.68 5.33 7.92
N ILE A 93 -14.25 4.39 8.67
N ILE A 93 -14.24 4.37 8.65
CA ILE A 93 -15.12 4.76 9.78
CA ILE A 93 -15.17 4.66 9.75
C ILE A 93 -14.68 4.23 11.15
C ILE A 93 -14.60 4.29 11.12
N ALA A 94 -13.84 3.19 11.19
CA ALA A 94 -13.36 2.71 12.48
C ALA A 94 -12.14 1.84 12.33
N LEU A 95 -11.23 1.96 13.29
CA LEU A 95 -10.08 1.06 13.40
C LEU A 95 -10.12 0.26 14.70
N ALA A 96 -9.50 -0.92 14.66
CA ALA A 96 -9.34 -1.73 15.86
C ALA A 96 -7.85 -1.96 16.06
N ASN A 97 -7.39 -1.88 17.31
CA ASN A 97 -5.95 -1.85 17.61
C ASN A 97 -5.53 -3.01 18.50
N SER A 98 -4.91 -4.04 17.92
CA SER A 98 -4.31 -5.12 18.70
C SER A 98 -2.82 -4.87 18.86
N MET A 99 -2.33 -4.93 20.10
CA MET A 99 -0.91 -4.78 20.35
C MET A 99 -0.39 -6.01 21.05
N ILE A 100 0.77 -6.47 20.61
CA ILE A 100 1.44 -7.61 21.26
C ILE A 100 2.83 -7.07 21.63
N ILE A 101 3.08 -7.00 22.94
CA ILE A 101 4.24 -6.25 23.44
C ILE A 101 5.21 -7.19 24.14
N GLY A 102 6.51 -6.97 23.92
CA GLY A 102 7.51 -7.79 24.58
C GLY A 102 7.71 -7.33 26.03
N GLU A 103 7.73 -8.28 26.94
CA GLU A 103 8.01 -7.99 28.34
C GLU A 103 9.29 -7.16 28.45
N GLY A 104 9.23 -6.09 29.21
CA GLY A 104 10.41 -5.25 29.45
C GLY A 104 10.49 -4.00 28.59
N LEU A 105 9.60 -3.89 27.60
CA LEU A 105 9.56 -2.67 26.79
C LEU A 105 9.33 -1.46 27.68
N ASP A 106 10.01 -0.35 27.42
N ASP A 106 10.02 -0.35 27.39
CA ASP A 106 9.79 0.83 28.24
CA ASP A 106 9.77 0.90 28.08
C ASP A 106 8.42 1.41 27.98
C ASP A 106 8.33 1.33 27.95
N MET A 107 7.72 1.73 29.06
CA MET A 107 6.37 2.30 28.99
C MET A 107 6.32 3.53 28.09
N GLU A 108 7.40 4.30 28.06
N GLU A 108 7.40 4.30 28.06
CA GLU A 108 7.43 5.50 27.23
CA GLU A 108 7.45 5.50 27.23
C GLU A 108 7.37 5.18 25.74
C GLU A 108 7.32 5.16 25.75
N VAL A 109 7.86 4.00 25.37
CA VAL A 109 7.79 3.56 23.96
C VAL A 109 6.32 3.28 23.61
N LEU A 110 5.61 2.61 24.51
CA LEU A 110 4.20 2.35 24.27
C LEU A 110 3.44 3.67 24.16
N LYS A 111 3.76 4.60 25.06
CA LYS A 111 3.09 5.91 25.02
C LYS A 111 3.35 6.63 23.70
N ARG A 112 4.60 6.59 23.24
N ARG A 112 4.59 6.59 23.24
CA ARG A 112 4.99 7.23 21.99
CA ARG A 112 4.97 7.26 21.98
C ARG A 112 4.23 6.64 20.81
C ARG A 112 4.26 6.64 20.77
N VAL A 113 4.15 5.32 20.76
CA VAL A 113 3.46 4.64 19.67
C VAL A 113 1.97 5.03 19.66
N LEU A 114 1.35 5.02 20.83
CA LEU A 114 -0.06 5.38 20.93
C LEU A 114 -0.30 6.83 20.51
N LYS A 115 0.61 7.73 20.89
CA LYS A 115 0.48 9.14 20.53
C LYS A 115 0.54 9.30 19.01
N SER A 116 1.46 8.57 18.39
CA SER A 116 1.59 8.62 16.94
C SER A 116 0.36 8.05 16.26
N MET A 117 -0.19 6.97 16.82
CA MET A 117 -1.42 6.41 16.28
C MET A 117 -2.54 7.44 16.32
N ASP A 118 -2.67 8.11 17.47
CA ASP A 118 -3.73 9.08 17.58
C ASP A 118 -3.54 10.28 16.65
N GLU A 119 -2.31 10.78 16.54
CA GLU A 119 -2.07 11.91 15.64
C GLU A 119 -2.37 11.53 14.19
N THR A 120 -2.00 10.32 13.82
CA THR A 120 -2.21 9.88 12.46
C THR A 120 -3.71 9.68 12.20
N ALA A 121 -4.38 9.05 13.17
CA ALA A 121 -5.81 8.81 13.03
C ALA A 121 -6.54 10.16 12.90
N ARG A 122 -6.07 11.17 13.60
CA ARG A 122 -6.73 12.48 13.57
C ARG A 122 -6.62 13.15 12.20
N GLU A 123 -5.59 12.77 11.45
CA GLU A 123 -5.41 13.30 10.09
C GLU A 123 -6.49 12.85 9.13
N VAL A 124 -7.13 11.72 9.42
CA VAL A 124 -8.00 11.10 8.44
C VAL A 124 -9.37 11.81 8.22
N PRO A 125 -10.20 12.00 9.27
CA PRO A 125 -10.08 11.51 10.64
C PRO A 125 -10.79 10.17 10.79
N VAL A 126 -10.30 9.32 11.69
CA VAL A 126 -10.95 8.04 11.96
C VAL A 126 -10.69 7.63 13.42
N PRO A 127 -11.72 7.10 14.10
CA PRO A 127 -11.51 6.70 15.50
C PRO A 127 -10.96 5.29 15.65
N ILE A 128 -10.23 5.08 16.74
CA ILE A 128 -9.80 3.75 17.15
C ILE A 128 -10.78 3.35 18.25
N VAL A 129 -11.66 2.39 17.94
CA VAL A 129 -12.85 2.18 18.76
C VAL A 129 -12.80 0.92 19.63
N THR A 130 -11.82 0.06 19.39
CA THR A 130 -11.71 -1.19 20.12
C THR A 130 -10.30 -1.71 19.94
N GLY A 131 -9.87 -2.62 20.80
CA GLY A 131 -8.50 -3.08 20.73
C GLY A 131 -8.24 -4.27 21.63
N ASP A 132 -6.96 -4.59 21.78
CA ASP A 132 -6.53 -5.71 22.61
C ASP A 132 -5.07 -5.52 22.95
N THR A 133 -4.66 -5.96 24.13
CA THR A 133 -3.27 -5.86 24.55
C THR A 133 -2.82 -7.21 25.09
N LYS A 134 -1.75 -7.77 24.52
CA LYS A 134 -1.13 -8.98 25.03
C LYS A 134 0.34 -8.68 25.30
N VAL A 135 0.91 -9.33 26.31
CA VAL A 135 2.32 -9.16 26.61
C VAL A 135 2.95 -10.55 26.63
N VAL A 136 4.06 -10.70 25.92
CA VAL A 136 4.72 -12.00 25.83
C VAL A 136 6.17 -11.88 26.33
N GLU A 137 6.72 -13.00 26.79
CA GLU A 137 8.09 -12.99 27.28
C GLU A 137 9.10 -12.94 26.12
N ASP A 138 8.63 -13.27 24.92
CA ASP A 138 9.47 -13.27 23.73
C ASP A 138 10.10 -11.89 23.50
N LYS A 139 11.32 -11.87 22.98
CA LYS A 139 12.03 -10.61 22.78
C LYS A 139 11.65 -9.88 21.49
N ILE A 140 10.41 -9.43 21.37
CA ILE A 140 9.91 -8.88 20.11
C ILE A 140 9.80 -7.36 19.99
N GLU A 141 9.97 -6.66 21.11
CA GLU A 141 9.63 -5.24 21.22
C GLU A 141 8.12 -5.00 21.11
N MET A 142 7.61 -4.89 19.89
CA MET A 142 6.16 -4.70 19.74
C MET A 142 5.70 -5.03 18.33
N PHE A 143 4.56 -5.73 18.23
CA PHE A 143 3.81 -5.85 16.97
C PHE A 143 2.48 -5.12 17.15
N VAL A 144 2.03 -4.46 16.10
CA VAL A 144 0.74 -3.76 16.15
C VAL A 144 -0.10 -4.28 14.98
N ILE A 145 -1.34 -4.68 15.26
CA ILE A 145 -2.19 -5.25 14.25
C ILE A 145 -3.46 -4.44 14.22
N THR A 146 -3.73 -3.81 13.08
CA THR A 146 -4.93 -2.98 12.98
C THR A 146 -5.90 -3.55 11.95
N ALA A 147 -7.16 -3.58 12.33
CA ALA A 147 -8.21 -3.91 11.38
C ALA A 147 -9.02 -2.64 11.12
N GLY A 148 -9.66 -2.59 9.96
CA GLY A 148 -10.44 -1.40 9.65
C GLY A 148 -11.77 -1.72 9.03
N ILE A 149 -12.75 -0.85 9.31
CA ILE A 149 -14.06 -0.88 8.66
C ILE A 149 -14.23 0.45 7.92
N GLY A 150 -14.65 0.37 6.66
CA GLY A 150 -15.01 1.56 5.89
C GLY A 150 -16.33 1.34 5.18
N ILE A 151 -16.85 2.40 4.57
N ILE A 151 -16.86 2.40 4.58
CA ILE A 151 -18.08 2.29 3.78
CA ILE A 151 -18.07 2.32 3.79
C ILE A 151 -17.82 2.79 2.37
C ILE A 151 -17.78 2.77 2.37
N ALA A 152 -18.13 1.94 1.39
CA ALA A 152 -17.93 2.28 -0.01
C ALA A 152 -19.28 2.30 -0.70
N GLU A 153 -19.55 3.34 -1.48
CA GLU A 153 -20.76 3.35 -2.28
C GLU A 153 -20.53 2.49 -3.52
N HIS A 154 -19.29 2.43 -3.98
N HIS A 154 -19.27 2.37 -3.92
CA HIS A 154 -18.95 1.69 -5.19
CA HIS A 154 -18.90 1.75 -5.18
C HIS A 154 -17.54 1.14 -5.08
C HIS A 154 -17.50 1.15 -5.07
N PRO A 155 -17.39 -0.07 -4.52
CA PRO A 155 -16.07 -0.70 -4.32
C PRO A 155 -15.24 -0.75 -5.58
N VAL A 156 -13.95 -0.48 -5.42
CA VAL A 156 -12.99 -0.55 -6.50
C VAL A 156 -12.07 -1.74 -6.24
N SER A 157 -11.97 -2.61 -7.24
CA SER A 157 -11.15 -3.81 -7.14
C SER A 157 -9.74 -3.57 -7.63
N ASP A 158 -8.89 -4.59 -7.54
CA ASP A 158 -7.58 -4.58 -8.19
C ASP A 158 -7.62 -5.32 -9.52
N ALA A 159 -8.82 -5.67 -9.97
CA ALA A 159 -8.98 -6.56 -11.12
C ALA A 159 -9.81 -5.91 -12.23
N GLY A 160 -10.06 -4.61 -12.11
CA GLY A 160 -10.99 -3.95 -13.01
C GLY A 160 -10.38 -3.10 -14.10
N ALA A 161 -9.07 -3.21 -14.32
CA ALA A 161 -8.40 -2.41 -15.34
C ALA A 161 -8.95 -2.76 -16.73
N LYS A 162 -9.13 -1.74 -17.56
CA LYS A 162 -9.65 -1.94 -18.92
C LYS A 162 -8.67 -1.43 -19.97
N VAL A 163 -8.64 -2.10 -21.12
CA VAL A 163 -7.78 -1.68 -22.23
C VAL A 163 -8.00 -0.21 -22.58
N GLY A 164 -6.92 0.55 -22.63
CA GLY A 164 -7.00 1.97 -22.91
C GLY A 164 -6.90 2.86 -21.68
N ASP A 165 -7.15 2.29 -20.50
CA ASP A 165 -7.12 3.06 -19.27
C ASP A 165 -5.74 3.64 -19.01
N ALA A 166 -5.69 4.73 -18.26
CA ALA A 166 -4.43 5.33 -17.86
C ALA A 166 -4.05 4.79 -16.49
N VAL A 167 -2.74 4.74 -16.23
CA VAL A 167 -2.22 4.24 -14.96
C VAL A 167 -1.50 5.38 -14.26
N LEU A 168 -1.93 5.70 -13.05
CA LEU A 168 -1.34 6.79 -12.29
C LEU A 168 -0.71 6.28 -11.00
N VAL A 169 0.30 7.00 -10.53
CA VAL A 169 0.78 6.83 -9.15
C VAL A 169 0.65 8.18 -8.46
N SER A 170 0.38 8.17 -7.15
CA SER A 170 0.05 9.40 -6.43
C SER A 170 1.27 10.18 -5.97
N GLY A 171 2.46 9.66 -6.24
CA GLY A 171 3.67 10.35 -5.80
C GLY A 171 4.90 9.53 -6.01
N THR A 172 6.00 9.93 -5.38
CA THR A 172 7.27 9.29 -5.61
C THR A 172 7.31 7.84 -5.11
N ILE A 173 8.14 7.03 -5.76
CA ILE A 173 8.17 5.59 -5.55
C ILE A 173 9.46 5.16 -4.88
N GLY A 174 9.33 4.28 -3.88
CA GLY A 174 10.50 3.75 -3.21
C GLY A 174 10.86 4.38 -1.88
N ASP A 175 10.24 5.50 -1.55
CA ASP A 175 10.61 6.26 -0.33
C ASP A 175 10.66 5.42 0.95
N HIS A 176 9.61 4.68 1.26
CA HIS A 176 9.61 3.98 2.53
C HIS A 176 10.73 2.95 2.65
N GLY A 177 10.80 2.00 1.71
CA GLY A 177 11.79 0.93 1.78
C GLY A 177 13.22 1.45 1.72
N ILE A 178 13.46 2.43 0.83
CA ILE A 178 14.81 2.97 0.69
C ILE A 178 15.20 3.83 1.88
N ALA A 179 14.26 4.61 2.40
CA ALA A 179 14.51 5.38 3.63
C ALA A 179 14.86 4.44 4.78
N LEU A 180 14.11 3.35 4.90
CA LEU A 180 14.36 2.42 5.98
C LEU A 180 15.74 1.77 5.89
N MET A 181 16.09 1.28 4.71
CA MET A 181 17.39 0.67 4.50
C MET A 181 18.50 1.70 4.69
N SER A 182 18.30 2.92 4.18
CA SER A 182 19.31 3.97 4.34
C SER A 182 19.57 4.26 5.82
N HIS A 183 18.50 4.33 6.61
CA HIS A 183 18.64 4.53 8.05
C HIS A 183 19.45 3.40 8.70
N ARG A 184 19.14 2.15 8.36
CA ARG A 184 19.87 1.01 8.90
C ARG A 184 21.35 1.07 8.53
N GLU A 185 21.64 1.57 7.32
CA GLU A 185 23.02 1.53 6.80
C GLU A 185 23.81 2.83 7.00
N GLY A 186 23.21 3.83 7.63
CA GLY A 186 23.90 5.09 7.89
C GLY A 186 24.06 5.99 6.68
N ILE A 187 23.23 5.76 5.66
CA ILE A 187 23.19 6.63 4.50
C ILE A 187 22.27 7.81 4.74
N ALA A 188 22.75 9.01 4.47
CA ALA A 188 21.92 10.20 4.64
C ALA A 188 22.53 11.32 3.81
N PHE A 189 21.74 12.31 3.46
CA PHE A 189 22.24 13.46 2.71
C PHE A 189 22.27 14.66 3.65
N GLU A 190 21.72 15.80 3.26
CA GLU A 190 21.68 16.93 4.17
C GLU A 190 20.83 16.58 5.39
N THR A 191 19.76 15.84 5.16
CA THR A 191 18.96 15.23 6.23
C THR A 191 18.75 13.75 5.91
N GLU A 192 18.24 12.98 6.86
N GLU A 192 18.19 13.01 6.86
CA GLU A 192 17.93 11.58 6.56
CA GLU A 192 17.84 11.61 6.61
C GLU A 192 16.74 11.49 5.61
C GLU A 192 16.71 11.51 5.59
N LEU A 193 16.77 10.49 4.74
CA LEU A 193 15.65 10.18 3.86
C LEU A 193 14.49 9.80 4.76
N LYS A 194 13.30 10.31 4.44
N LYS A 194 13.30 10.31 4.44
CA LYS A 194 12.11 10.05 5.26
CA LYS A 194 12.11 10.04 5.25
C LYS A 194 11.19 9.06 4.57
C LYS A 194 11.20 9.05 4.56
N SER A 195 10.62 8.15 5.36
CA SER A 195 9.53 7.33 4.87
C SER A 195 8.36 8.22 4.45
N ASP A 196 7.53 7.75 3.53
CA ASP A 196 6.34 8.47 3.10
C ASP A 196 5.09 8.04 3.87
N VAL A 197 5.27 7.22 4.90
CA VAL A 197 4.10 6.62 5.57
C VAL A 197 3.06 7.67 5.98
N ALA A 198 1.83 7.52 5.49
CA ALA A 198 0.77 8.49 5.70
C ALA A 198 -0.53 7.92 5.17
N PRO A 199 -1.65 8.36 5.74
CA PRO A 199 -2.96 7.96 5.20
C PRO A 199 -3.26 8.77 3.94
N ILE A 200 -3.75 8.09 2.90
CA ILE A 200 -4.00 8.79 1.63
C ILE A 200 -5.44 8.68 1.15
N TRP A 201 -6.37 8.49 2.08
CA TRP A 201 -7.79 8.50 1.73
C TRP A 201 -8.13 9.85 1.07
N ASP A 202 -7.51 10.93 1.53
CA ASP A 202 -7.80 12.23 0.94
C ASP A 202 -7.48 12.29 -0.57
N VAL A 203 -6.42 11.61 -0.98
CA VAL A 203 -6.02 11.56 -2.39
C VAL A 203 -7.06 10.80 -3.22
N VAL A 204 -7.45 9.62 -2.74
CA VAL A 204 -8.43 8.82 -3.45
C VAL A 204 -9.78 9.54 -3.53
N LYS A 205 -10.22 10.06 -2.39
CA LYS A 205 -11.47 10.82 -2.33
C LYS A 205 -11.47 11.98 -3.33
N ALA A 206 -10.36 12.69 -3.40
CA ALA A 206 -10.24 13.82 -4.32
C ALA A 206 -10.48 13.40 -5.78
N VAL A 207 -9.90 12.28 -6.19
CA VAL A 207 -10.12 11.79 -7.54
C VAL A 207 -11.58 11.39 -7.75
N ALA A 208 -12.13 10.63 -6.81
CA ALA A 208 -13.54 10.21 -6.92
C ALA A 208 -14.50 11.38 -7.03
N GLU A 209 -14.26 12.44 -6.26
CA GLU A 209 -15.13 13.60 -6.28
C GLU A 209 -15.05 14.35 -7.61
N THR A 210 -13.97 14.13 -8.33
CA THR A 210 -13.73 14.82 -9.61
C THR A 210 -14.24 14.02 -10.82
N ILE A 211 -13.93 12.73 -10.86
CA ILE A 211 -14.28 11.92 -12.03
C ILE A 211 -15.39 10.89 -11.80
N GLY A 212 -15.77 10.67 -10.55
CA GLY A 212 -16.77 9.66 -10.21
C GLY A 212 -16.17 8.28 -10.01
N TRP A 213 -16.71 7.52 -9.06
CA TRP A 213 -16.20 6.17 -8.76
C TRP A 213 -16.18 5.25 -9.98
N GLU A 214 -17.17 5.39 -10.86
CA GLU A 214 -17.27 4.50 -12.01
C GLU A 214 -16.08 4.63 -12.95
N ASN A 215 -15.38 5.77 -12.89
CA ASN A 215 -14.23 5.98 -13.76
C ASN A 215 -12.89 5.64 -13.10
N ILE A 216 -12.95 5.20 -11.85
CA ILE A 216 -11.79 4.61 -11.19
C ILE A 216 -11.96 3.10 -11.33
N HIS A 217 -11.15 2.49 -12.19
CA HIS A 217 -11.36 1.10 -12.58
C HIS A 217 -10.57 0.11 -11.71
N ALA A 218 -9.44 0.54 -11.16
CA ALA A 218 -8.67 -0.34 -10.29
C ALA A 218 -7.77 0.50 -9.39
N MET A 219 -7.48 -0.02 -8.20
CA MET A 219 -6.47 0.59 -7.32
C MET A 219 -5.78 -0.48 -6.52
N LYS A 220 -4.55 -0.20 -6.11
N LYS A 220 -4.59 -0.14 -6.03
CA LYS A 220 -3.86 -0.98 -5.10
CA LYS A 220 -3.82 -0.99 -5.13
C LYS A 220 -2.91 -0.03 -4.38
C LYS A 220 -2.83 -0.10 -4.41
N ASP A 221 -2.60 -0.31 -3.12
CA ASP A 221 -1.52 0.43 -2.46
C ASP A 221 -0.26 -0.41 -2.54
N PRO A 222 0.81 0.17 -3.10
CA PRO A 222 2.01 -0.59 -3.42
C PRO A 222 2.89 -0.77 -2.20
N THR A 223 2.41 -1.58 -1.26
CA THR A 223 3.12 -1.92 -0.04
C THR A 223 4.18 -3.02 -0.33
N ARG A 224 4.21 -4.11 0.44
CA ARG A 224 5.29 -5.11 0.24
C ARG A 224 5.48 -5.49 -1.22
N ALA A 225 6.75 -5.50 -1.63
CA ALA A 225 7.20 -5.81 -2.98
C ALA A 225 6.90 -4.72 -4.01
N GLY A 226 6.40 -3.58 -3.53
CA GLY A 226 6.51 -2.33 -4.26
C GLY A 226 5.59 -2.08 -5.43
N LEU A 227 5.92 -1.04 -6.19
CA LEU A 227 5.22 -0.70 -7.42
C LEU A 227 5.15 -1.88 -8.38
N SER A 228 6.26 -2.58 -8.52
N SER A 228 6.26 -2.60 -8.50
CA SER A 228 6.32 -3.71 -9.45
CA SER A 228 6.33 -3.71 -9.46
C SER A 228 5.28 -4.76 -9.11
C SER A 228 5.37 -4.84 -9.13
N ASN A 229 5.24 -5.16 -7.84
CA ASN A 229 4.25 -6.15 -7.44
C ASN A 229 2.82 -5.64 -7.70
N ALA A 230 2.57 -4.39 -7.35
CA ALA A 230 1.23 -3.84 -7.49
C ALA A 230 0.79 -3.82 -8.94
N LEU A 231 1.68 -3.37 -9.83
CA LEU A 231 1.34 -3.34 -11.25
C LEU A 231 1.15 -4.73 -11.84
N ASN A 232 2.00 -5.66 -11.44
CA ASN A 232 1.88 -7.03 -11.94
C ASN A 232 0.59 -7.68 -11.47
N GLU A 233 0.18 -7.37 -10.25
CA GLU A 233 -1.06 -7.90 -9.69
C GLU A 233 -2.27 -7.35 -10.43
N ILE A 234 -2.30 -6.05 -10.66
CA ILE A 234 -3.39 -5.46 -11.42
C ILE A 234 -3.44 -6.05 -12.83
N ALA A 235 -2.29 -6.16 -13.48
CA ALA A 235 -2.25 -6.73 -14.83
C ALA A 235 -2.77 -8.15 -14.86
N ARG A 236 -2.27 -8.99 -13.96
CA ARG A 236 -2.65 -10.40 -13.92
C ARG A 236 -4.14 -10.57 -13.63
N LYS A 237 -4.63 -9.86 -12.62
CA LYS A 237 -6.01 -10.03 -12.19
C LYS A 237 -7.03 -9.42 -13.14
N SER A 238 -6.63 -8.36 -13.83
CA SER A 238 -7.47 -7.72 -14.82
C SER A 238 -7.33 -8.37 -16.19
N ASN A 239 -6.36 -9.28 -16.30
CA ASN A 239 -6.05 -9.95 -17.57
C ASN A 239 -5.78 -8.94 -18.68
N VAL A 240 -4.88 -8.02 -18.41
CA VAL A 240 -4.51 -7.01 -19.39
C VAL A 240 -3.01 -6.82 -19.29
N GLY A 241 -2.44 -6.12 -20.25
CA GLY A 241 -1.04 -5.72 -20.17
C GLY A 241 -0.96 -4.31 -19.67
N ILE A 242 0.16 -3.96 -19.04
CA ILE A 242 0.38 -2.60 -18.62
C ILE A 242 1.69 -2.10 -19.22
N LEU A 243 1.61 -1.00 -19.94
CA LEU A 243 2.80 -0.40 -20.54
C LEU A 243 3.17 0.86 -19.79
N VAL A 244 4.34 0.83 -19.14
CA VAL A 244 4.80 1.94 -18.31
C VAL A 244 5.98 2.66 -18.95
N ARG A 245 5.93 3.98 -18.98
CA ARG A 245 7.08 4.78 -19.39
C ARG A 245 7.97 5.04 -18.17
N GLU A 246 9.11 4.34 -18.13
CA GLU A 246 9.98 4.39 -16.96
C GLU A 246 10.37 5.81 -16.56
N ALA A 247 10.60 6.66 -17.54
CA ALA A 247 11.03 8.03 -17.25
C ALA A 247 9.97 8.83 -16.53
N ASP A 248 8.71 8.40 -16.62
CA ASP A 248 7.60 9.15 -16.03
C ASP A 248 7.29 8.74 -14.58
N ILE A 249 7.91 7.66 -14.11
CA ILE A 249 7.72 7.23 -12.73
C ILE A 249 8.49 8.17 -11.81
N PRO A 250 7.78 8.91 -10.93
CA PRO A 250 8.49 9.86 -10.07
C PRO A 250 9.35 9.15 -9.04
N ILE A 251 10.62 9.51 -8.99
CA ILE A 251 11.54 8.98 -7.99
C ILE A 251 12.30 10.16 -7.40
N ARG A 252 12.31 10.26 -6.08
CA ARG A 252 13.01 11.32 -5.38
C ARG A 252 14.50 11.15 -5.69
N PRO A 253 15.20 12.25 -6.03
CA PRO A 253 16.62 12.14 -6.39
C PRO A 253 17.46 11.44 -5.33
N GLU A 254 17.17 11.74 -4.06
CA GLU A 254 17.89 11.11 -2.96
C GLU A 254 17.59 9.61 -2.85
N VAL A 255 16.36 9.23 -3.18
CA VAL A 255 16.00 7.82 -3.20
C VAL A 255 16.69 7.09 -4.33
N ARG A 256 16.76 7.70 -5.51
CA ARG A 256 17.52 7.11 -6.61
C ARG A 256 18.97 6.86 -6.19
N ALA A 257 19.62 7.89 -5.66
CA ALA A 257 21.02 7.79 -5.26
C ALA A 257 21.24 6.70 -4.20
N ALA A 258 20.44 6.74 -3.15
CA ALA A 258 20.55 5.74 -2.10
C ALA A 258 20.28 4.33 -2.62
N SER A 259 19.28 4.17 -3.48
CA SER A 259 18.97 2.84 -4.00
C SER A 259 20.15 2.30 -4.81
N GLU A 260 20.86 3.19 -5.50
CA GLU A 260 22.05 2.80 -6.23
C GLU A 260 23.15 2.33 -5.26
N MET A 261 23.36 3.07 -4.18
CA MET A 261 24.34 2.68 -3.18
C MET A 261 23.99 1.35 -2.50
N LEU A 262 22.69 1.12 -2.31
CA LEU A 262 22.20 -0.07 -1.64
C LEU A 262 22.12 -1.28 -2.57
N GLY A 263 22.09 -1.02 -3.88
CA GLY A 263 21.90 -2.08 -4.84
C GLY A 263 20.51 -2.68 -4.74
N ILE A 264 19.52 -1.83 -4.50
CA ILE A 264 18.13 -2.24 -4.36
C ILE A 264 17.26 -1.45 -5.33
N SER A 265 16.33 -2.12 -6.00
CA SER A 265 15.44 -1.40 -6.91
C SER A 265 14.32 -0.68 -6.16
N PRO A 266 14.17 0.64 -6.40
CA PRO A 266 13.08 1.35 -5.72
C PRO A 266 11.69 0.88 -6.16
N TYR A 267 11.60 0.13 -7.26
CA TYR A 267 10.29 -0.35 -7.73
C TYR A 267 9.82 -1.55 -6.93
N ASP A 268 10.75 -2.18 -6.21
CA ASP A 268 10.49 -3.48 -5.60
C ASP A 268 10.28 -3.42 -4.09
N VAL A 269 10.33 -2.21 -3.53
CA VAL A 269 10.24 -2.06 -2.08
C VAL A 269 8.95 -1.38 -1.69
N ALA A 270 8.48 -1.67 -0.48
CA ALA A 270 7.21 -1.12 -0.02
C ALA A 270 7.17 0.40 -0.01
N ASN A 271 6.02 0.94 -0.42
CA ASN A 271 5.67 2.32 -0.20
C ASN A 271 4.61 2.35 0.89
N GLU A 272 4.52 3.44 1.66
CA GLU A 272 3.52 3.48 2.72
C GLU A 272 2.63 4.72 2.70
N GLY A 273 2.72 5.51 1.63
CA GLY A 273 1.87 6.68 1.50
C GLY A 273 1.47 6.93 0.04
N LYS A 274 1.26 5.85 -0.71
CA LYS A 274 1.01 5.95 -2.15
C LYS A 274 -0.17 5.09 -2.62
N VAL A 275 -0.80 5.52 -3.70
N VAL A 275 -0.75 5.51 -3.74
CA VAL A 275 -1.80 4.69 -4.38
CA VAL A 275 -1.78 4.73 -4.43
C VAL A 275 -1.47 4.55 -5.87
C VAL A 275 -1.41 4.55 -5.90
N VAL A 276 -1.63 3.34 -6.40
CA VAL A 276 -1.61 3.10 -7.84
C VAL A 276 -3.06 3.10 -8.28
N MET A 277 -3.40 3.93 -9.27
CA MET A 277 -4.79 4.07 -9.69
C MET A 277 -4.92 3.94 -11.20
N VAL A 278 -5.93 3.20 -11.63
CA VAL A 278 -6.19 2.98 -13.05
C VAL A 278 -7.52 3.63 -13.36
N VAL A 279 -7.53 4.57 -14.31
CA VAL A 279 -8.74 5.35 -14.56
C VAL A 279 -9.12 5.36 -16.04
N ALA A 280 -10.40 5.60 -16.31
CA ALA A 280 -10.89 5.71 -17.68
C ALA A 280 -10.06 6.74 -18.44
N ARG A 281 -9.62 6.35 -19.65
CA ARG A 281 -8.74 7.17 -20.49
C ARG A 281 -9.14 8.63 -20.59
N GLU A 282 -10.42 8.88 -20.80
CA GLU A 282 -10.89 10.25 -21.01
C GLU A 282 -10.90 11.08 -19.72
N TYR A 283 -10.63 10.43 -18.59
CA TYR A 283 -10.64 11.13 -17.31
C TYR A 283 -9.25 11.19 -16.66
N ALA A 284 -8.24 10.73 -17.40
CA ALA A 284 -6.87 10.64 -16.87
C ALA A 284 -6.32 12.00 -16.40
N GLU A 285 -6.46 13.02 -17.24
CA GLU A 285 -5.92 14.33 -16.89
C GLU A 285 -6.68 14.95 -15.72
N GLU A 286 -7.98 14.73 -15.66
CA GLU A 286 -8.77 15.24 -14.55
C GLU A 286 -8.35 14.55 -13.24
N ALA A 287 -8.15 13.23 -13.32
CA ALA A 287 -7.70 12.47 -12.15
C ALA A 287 -6.34 12.98 -11.67
N LEU A 288 -5.42 13.16 -12.61
CA LEU A 288 -4.08 13.64 -12.27
C LEU A 288 -4.13 15.01 -11.61
N GLU A 289 -4.89 15.93 -12.20
CA GLU A 289 -5.04 17.25 -11.62
C GLU A 289 -5.63 17.19 -10.20
N ALA A 290 -6.62 16.31 -9.99
CA ALA A 290 -7.23 16.19 -8.67
C ALA A 290 -6.21 15.72 -7.63
N MET A 291 -5.37 14.77 -8.01
CA MET A 291 -4.32 14.30 -7.11
C MET A 291 -3.35 15.42 -6.78
N ARG A 292 -2.92 16.14 -7.81
CA ARG A 292 -1.85 17.11 -7.65
C ARG A 292 -2.28 18.34 -6.86
N LYS A 293 -3.59 18.55 -6.74
N LYS A 293 -3.59 18.56 -6.74
CA LYS A 293 -4.14 19.62 -5.93
CA LYS A 293 -4.12 19.63 -5.92
C LYS A 293 -3.99 19.33 -4.43
C LYS A 293 -4.04 19.32 -4.42
N THR A 294 -3.84 18.05 -4.08
CA THR A 294 -3.67 17.69 -2.68
C THR A 294 -2.20 17.69 -2.30
N GLU A 295 -1.94 17.83 -1.01
CA GLU A 295 -0.58 17.82 -0.52
C GLU A 295 0.07 16.45 -0.69
N LYS A 296 -0.65 15.41 -0.31
CA LYS A 296 -0.06 14.07 -0.36
C LYS A 296 0.03 13.50 -1.77
N GLY A 297 -0.72 14.10 -2.70
CA GLY A 297 -0.67 13.70 -4.10
C GLY A 297 0.05 14.71 -4.98
N ARG A 298 0.76 15.64 -4.37
CA ARG A 298 1.40 16.75 -5.10
C ARG A 298 2.38 16.32 -6.19
N ASN A 299 2.95 15.12 -6.04
CA ASN A 299 3.91 14.59 -7.00
C ASN A 299 3.35 13.50 -7.91
N ALA A 300 2.02 13.42 -8.00
CA ALA A 300 1.37 12.38 -8.80
C ALA A 300 1.75 12.48 -10.27
N ALA A 301 1.72 11.33 -10.95
CA ALA A 301 2.08 11.26 -12.37
C ALA A 301 1.28 10.19 -13.07
N ILE A 302 0.98 10.42 -14.34
CA ILE A 302 0.49 9.35 -15.20
C ILE A 302 1.73 8.62 -15.68
N ILE A 303 1.80 7.31 -15.45
CA ILE A 303 3.01 6.58 -15.73
C ILE A 303 2.87 5.54 -16.82
N GLY A 304 1.63 5.30 -17.25
CA GLY A 304 1.42 4.29 -18.27
C GLY A 304 -0.01 4.13 -18.73
N GLU A 305 -0.24 3.05 -19.44
CA GLU A 305 -1.56 2.77 -19.98
C GLU A 305 -1.78 1.27 -20.06
N VAL A 306 -3.05 0.88 -20.03
CA VAL A 306 -3.43 -0.52 -20.11
C VAL A 306 -3.53 -0.93 -21.59
N ILE A 307 -2.93 -2.06 -21.94
CA ILE A 307 -2.92 -2.53 -23.32
C ILE A 307 -3.54 -3.93 -23.44
N ALA A 308 -3.92 -4.28 -24.68
CA ALA A 308 -4.63 -5.54 -24.94
C ALA A 308 -3.72 -6.76 -24.99
N ASP A 309 -2.50 -6.58 -25.48
CA ASP A 309 -1.53 -7.69 -25.52
C ASP A 309 -0.67 -7.73 -24.27
N TYR A 310 0.23 -8.71 -24.21
CA TYR A 310 1.04 -8.97 -23.03
C TYR A 310 0.18 -9.06 -21.78
N ARG A 311 -0.95 -9.76 -21.90
CA ARG A 311 -1.89 -9.88 -20.79
C ARG A 311 -1.24 -10.50 -19.56
N GLY A 312 -1.44 -9.85 -18.41
CA GLY A 312 -0.87 -10.32 -17.17
C GLY A 312 0.59 -9.92 -17.01
N LYS A 313 1.06 -9.03 -17.89
CA LYS A 313 2.45 -8.57 -17.84
C LYS A 313 2.54 -7.06 -17.76
N VAL A 314 3.69 -6.57 -17.31
CA VAL A 314 3.98 -5.15 -17.22
C VAL A 314 5.23 -4.84 -18.03
N LEU A 315 5.11 -3.90 -18.96
CA LEU A 315 6.23 -3.53 -19.82
C LEU A 315 6.76 -2.17 -19.42
N LEU A 316 8.09 -2.03 -19.47
CA LEU A 316 8.73 -0.75 -19.18
C LEU A 316 9.31 -0.15 -20.46
N GLU A 317 8.85 1.05 -20.80
CA GLU A 317 9.34 1.73 -22.01
C GLU A 317 10.46 2.71 -21.67
N THR A 318 11.58 2.59 -22.38
CA THR A 318 12.71 3.50 -22.18
C THR A 318 13.18 4.10 -23.49
N GLY A 319 14.15 5.01 -23.41
CA GLY A 319 14.74 5.62 -24.58
C GLY A 319 13.74 6.29 -25.51
N ILE A 320 13.71 5.83 -26.76
CA ILE A 320 12.81 6.40 -27.76
C ILE A 320 11.65 5.46 -28.05
N GLY A 321 11.60 4.33 -27.34
CA GLY A 321 10.51 3.38 -27.52
C GLY A 321 10.79 1.96 -27.05
N GLY A 322 12.04 1.65 -26.75
CA GLY A 322 12.44 0.32 -26.30
C GLY A 322 11.64 -0.17 -25.11
N LYS A 323 11.42 -1.49 -25.04
CA LYS A 323 10.56 -2.07 -24.02
C LYS A 323 11.12 -3.34 -23.38
N ARG A 324 11.05 -3.43 -22.06
CA ARG A 324 11.41 -4.66 -21.35
C ARG A 324 10.35 -4.95 -20.31
N PHE A 325 10.45 -6.09 -19.63
CA PHE A 325 9.46 -6.44 -18.61
C PHE A 325 9.85 -5.89 -17.25
N MET A 326 8.87 -5.33 -16.54
CA MET A 326 9.03 -5.03 -15.13
C MET A 326 8.63 -6.29 -14.39
N GLU A 327 9.62 -7.04 -13.93
CA GLU A 327 9.38 -8.36 -13.38
C GLU A 327 8.80 -8.32 -11.96
N PRO A 328 7.80 -9.16 -11.70
CA PRO A 328 7.23 -9.25 -10.35
C PRO A 328 8.27 -9.83 -9.41
N PRO A 329 8.55 -9.14 -8.29
CA PRO A 329 9.56 -9.63 -7.35
C PRO A 329 9.11 -10.92 -6.67
N GLU A 330 10.07 -11.76 -6.30
CA GLU A 330 9.76 -12.96 -5.54
C GLU A 330 9.35 -12.56 -4.13
N GLY A 331 9.79 -11.38 -3.72
CA GLY A 331 9.50 -10.85 -2.40
C GLY A 331 10.16 -9.49 -2.28
N ASP A 332 9.69 -8.68 -1.34
CA ASP A 332 10.33 -7.41 -1.02
C ASP A 332 11.75 -7.71 -0.53
N PRO A 333 12.76 -7.03 -1.09
CA PRO A 333 14.14 -7.32 -0.68
C PRO A 333 14.52 -6.73 0.67
N VAL A 334 13.66 -5.88 1.24
CA VAL A 334 13.94 -5.25 2.54
C VAL A 334 13.30 -6.04 3.68
N PRO A 335 14.13 -6.61 4.58
CA PRO A 335 13.52 -7.39 5.68
C PRO A 335 12.85 -6.49 6.72
N ARG A 336 11.77 -6.99 7.32
CA ARG A 336 11.06 -6.27 8.38
C ARG A 336 10.70 -4.86 7.94
N ILE A 337 10.26 -4.74 6.68
CA ILE A 337 9.91 -3.45 6.10
C ILE A 337 8.56 -2.92 6.60
#